data_3D3U
#
_entry.id   3D3U
#
_cell.length_a   54.684
_cell.length_b   87.279
_cell.length_c   93.504
_cell.angle_alpha   90.00
_cell.angle_beta   90.00
_cell.angle_gamma   90.00
#
_symmetry.space_group_name_H-M   'P 21 21 21'
#
loop_
_entity.id
_entity.type
_entity.pdbx_description
1 polymer '4-hydroxybutyrate CoA-transferase'
2 water water
#
_entity_poly.entity_id   1
_entity_poly.type   'polypeptide(L)'
_entity_poly.pdbx_seq_one_letter_code
;MQWQELYRQRVCSADEAVVDSLKPGTKVVFGHAAAAPVRFSQAMYRQREKLENITVFHMLYFGDAPHLAPEMRSHVHPTL
NFLEGNSRPASRDRRVDFIPCHFHEVPELFRQGFFPLDVAVVQVSTPNEEGYCSFGVSCDYTKAAAECAPVVVAEVNKQM
PFIGGENLIHISKLTHIIEVDEPIAEVLPPAGSDLELRIGQNCASLIKDGDTLQLGIGGIPDAVLRALEGHKDLGIHTEM
FTDGVMRMIRKGIINGKKKTLHPEKVVTSLIFGSKELYDFVNNNPVIECYPVDYINNPDVIGKNDRMVSINSCLEMDLMG
QAASESIGYEQFSGSGGQVDFLRGAKRSKGGISIMAFPSTAKKGTESRIVPILKEGACVTTGRNEVDYVVTEYGVARLRG
ATLRQRAEALTAIAHPDFRPALEEEIRRRFELEHHHHHH
;
_entity_poly.pdbx_strand_id   A
#
# COMPACT_ATOMS: atom_id res chain seq x y z
N GLN A 2 24.84 -12.65 -24.80
CA GLN A 2 24.21 -11.31 -24.93
C GLN A 2 22.69 -11.50 -24.79
N TRP A 3 22.13 -10.69 -23.93
CA TRP A 3 20.69 -10.75 -23.69
C TRP A 3 19.98 -9.62 -24.45
N GLN A 4 20.72 -8.53 -24.69
CA GLN A 4 20.28 -7.44 -25.59
C GLN A 4 19.93 -7.95 -26.99
N GLU A 5 20.45 -9.09 -27.38
CA GLU A 5 20.03 -9.59 -28.64
C GLU A 5 18.62 -10.17 -28.50
N LEU A 6 18.31 -10.67 -27.31
CA LEU A 6 16.91 -10.95 -26.94
C LEU A 6 16.07 -9.70 -26.71
N TYR A 7 16.66 -8.69 -26.08
CA TYR A 7 15.96 -7.45 -25.87
C TYR A 7 15.47 -7.09 -27.23
N ARG A 8 16.36 -7.10 -28.23
CA ARG A 8 15.99 -6.66 -29.53
C ARG A 8 14.90 -7.58 -30.06
N GLN A 9 15.02 -8.89 -29.93
CA GLN A 9 14.08 -9.77 -30.62
C GLN A 9 12.60 -9.78 -30.07
N ARG A 10 12.35 -9.10 -28.92
CA ARG A 10 11.05 -9.20 -28.19
C ARG A 10 10.39 -7.84 -28.03
N VAL A 11 11.10 -6.80 -28.46
CA VAL A 11 10.50 -5.43 -28.51
C VAL A 11 9.41 -5.22 -29.65
N CYS A 12 8.26 -4.62 -29.31
CA CYS A 12 7.18 -4.27 -30.22
C CYS A 12 6.52 -2.97 -29.73
N SER A 13 5.42 -2.61 -30.36
CA SER A 13 4.63 -1.46 -29.97
C SER A 13 3.68 -2.00 -28.99
N ALA A 14 3.11 -1.10 -28.23
CA ALA A 14 2.06 -1.49 -27.37
C ALA A 14 1.02 -2.26 -28.20
N ASP A 15 0.67 -1.70 -29.36
CA ASP A 15 -0.50 -2.20 -30.13
C ASP A 15 -0.25 -3.60 -30.63
N GLU A 16 0.99 -3.84 -31.09
CA GLU A 16 1.33 -5.14 -31.58
C GLU A 16 1.28 -6.12 -30.42
N ALA A 17 1.75 -5.67 -29.26
CA ALA A 17 1.60 -6.52 -28.04
C ALA A 17 0.14 -6.80 -27.53
N VAL A 18 -0.69 -5.78 -27.41
CA VAL A 18 -2.14 -6.03 -27.26
C VAL A 18 -2.65 -7.04 -28.28
N VAL A 19 -2.45 -6.75 -29.54
CA VAL A 19 -3.05 -7.69 -30.44
C VAL A 19 -2.55 -9.11 -30.31
N ASP A 20 -1.24 -9.35 -30.15
CA ASP A 20 -0.71 -10.75 -30.15
C ASP A 20 -0.91 -11.40 -28.82
N SER A 21 -0.94 -10.62 -27.77
CA SER A 21 -1.03 -11.25 -26.50
C SER A 21 -2.48 -11.38 -26.06
N LEU A 22 -3.44 -10.74 -26.71
CA LEU A 22 -4.74 -10.76 -26.09
C LEU A 22 -5.74 -11.54 -26.81
N LYS A 23 -5.56 -12.85 -26.78
CA LYS A 23 -6.47 -13.75 -27.47
C LYS A 23 -7.91 -13.60 -26.87
N PRO A 24 -8.95 -13.75 -27.69
CA PRO A 24 -10.33 -13.85 -27.19
C PRO A 24 -10.45 -14.70 -25.89
N GLY A 25 -11.33 -14.27 -25.01
CA GLY A 25 -11.43 -14.90 -23.72
C GLY A 25 -10.21 -14.85 -22.80
N THR A 26 -9.12 -14.13 -23.06
CA THR A 26 -7.98 -14.14 -22.07
C THR A 26 -8.31 -13.32 -20.83
N LYS A 27 -7.78 -13.67 -19.65
CA LYS A 27 -7.76 -12.80 -18.50
C LYS A 27 -6.41 -12.19 -18.25
N VAL A 28 -6.34 -10.92 -17.83
CA VAL A 28 -5.09 -10.24 -17.76
C VAL A 28 -5.06 -9.60 -16.44
N VAL A 29 -3.87 -9.32 -15.91
CA VAL A 29 -3.73 -8.61 -14.62
C VAL A 29 -2.81 -7.42 -14.86
N PHE A 30 -3.12 -6.23 -14.35
CA PHE A 30 -2.17 -5.08 -14.54
C PHE A 30 -1.44 -4.79 -13.29
N GLY A 31 -0.17 -4.43 -13.37
CA GLY A 31 0.66 -4.16 -12.12
C GLY A 31 0.04 -2.90 -11.55
N HIS A 32 0.29 -2.57 -10.27
CA HIS A 32 -0.63 -1.46 -9.85
C HIS A 32 -0.04 -0.22 -9.34
N ALA A 33 -0.89 0.79 -9.09
CA ALA A 33 -0.57 2.01 -8.34
C ALA A 33 0.12 2.89 -9.36
N ALA A 34 1.39 3.27 -9.14
CA ALA A 34 2.05 4.24 -10.01
C ALA A 34 2.82 3.48 -11.05
N ALA A 35 2.68 2.14 -11.07
CA ALA A 35 3.38 1.30 -12.00
C ALA A 35 2.40 0.71 -12.94
N ALA A 36 1.19 1.26 -12.95
CA ALA A 36 0.05 0.85 -13.77
C ALA A 36 0.38 1.12 -15.27
N PRO A 37 0.12 0.17 -16.17
CA PRO A 37 0.63 0.26 -17.49
C PRO A 37 -0.41 0.85 -18.42
N VAL A 38 -0.47 2.15 -18.31
CA VAL A 38 -1.43 2.94 -18.97
C VAL A 38 -1.20 2.92 -20.48
N ARG A 39 0.06 2.81 -20.96
CA ARG A 39 0.28 2.70 -22.46
C ARG A 39 -0.42 1.56 -23.11
N PHE A 40 -0.29 0.44 -22.42
CA PHE A 40 -1.01 -0.72 -22.73
C PHE A 40 -2.50 -0.51 -22.57
N SER A 41 -2.99 0.19 -21.54
CA SER A 41 -4.46 0.47 -21.49
C SER A 41 -4.93 1.30 -22.71
N GLN A 42 -4.09 2.30 -23.00
CA GLN A 42 -4.24 3.25 -24.19
C GLN A 42 -4.31 2.29 -25.39
N ALA A 43 -3.34 1.38 -25.57
CA ALA A 43 -3.42 0.49 -26.78
C ALA A 43 -4.63 -0.44 -26.84
N MET A 44 -5.15 -0.84 -25.70
CA MET A 44 -6.35 -1.65 -25.69
C MET A 44 -7.54 -0.82 -26.14
N TYR A 45 -7.58 0.44 -25.73
CA TYR A 45 -8.56 1.36 -26.31
C TYR A 45 -8.52 1.42 -27.87
N ARG A 46 -7.40 1.89 -28.42
CA ARG A 46 -7.31 1.89 -29.87
C ARG A 46 -7.66 0.57 -30.53
N GLN A 47 -7.24 -0.57 -29.98
CA GLN A 47 -7.44 -1.86 -30.61
C GLN A 47 -8.73 -2.49 -30.20
N ARG A 48 -9.68 -1.75 -29.59
CA ARG A 48 -10.92 -2.39 -29.03
C ARG A 48 -11.77 -3.29 -29.94
N GLU A 49 -11.69 -2.98 -31.22
CA GLU A 49 -12.64 -3.45 -32.20
C GLU A 49 -12.16 -4.86 -32.48
N LYS A 50 -10.91 -5.16 -32.09
CA LYS A 50 -10.43 -6.52 -32.19
C LYS A 50 -10.49 -7.35 -30.92
N LEU A 51 -10.48 -6.75 -29.73
CA LEU A 51 -10.53 -7.63 -28.57
C LEU A 51 -11.94 -8.24 -28.28
N GLU A 52 -11.94 -9.51 -27.87
CA GLU A 52 -13.17 -10.23 -27.56
C GLU A 52 -13.38 -10.38 -26.06
N ASN A 53 -13.14 -11.50 -25.39
CA ASN A 53 -13.70 -11.52 -24.01
C ASN A 53 -12.65 -11.29 -22.96
N ILE A 54 -12.13 -10.09 -22.88
CA ILE A 54 -10.99 -9.95 -22.10
C ILE A 54 -11.40 -9.52 -20.71
N THR A 55 -10.93 -10.20 -19.69
CA THR A 55 -11.18 -9.80 -18.32
C THR A 55 -9.95 -9.14 -17.79
N VAL A 56 -10.07 -7.96 -17.14
CA VAL A 56 -8.86 -7.49 -16.45
C VAL A 56 -8.98 -7.41 -14.94
N PHE A 57 -7.94 -7.86 -14.26
CA PHE A 57 -7.92 -7.65 -12.82
C PHE A 57 -6.86 -6.64 -12.42
N HIS A 58 -7.26 -5.81 -11.49
CA HIS A 58 -6.33 -4.85 -10.83
C HIS A 58 -6.98 -4.13 -9.60
N MET A 59 -6.28 -3.14 -9.07
CA MET A 59 -6.60 -2.48 -7.79
C MET A 59 -6.38 -1.02 -8.01
N LEU A 60 -5.35 -0.38 -7.45
CA LEU A 60 -5.07 1.04 -7.75
C LEU A 60 -4.53 1.20 -9.11
N TYR A 61 -5.16 2.02 -9.89
CA TYR A 61 -4.54 2.49 -11.15
C TYR A 61 -4.41 3.97 -11.00
N PHE A 62 -3.22 4.49 -11.23
CA PHE A 62 -3.10 5.91 -11.53
C PHE A 62 -2.96 6.28 -13.06
N GLY A 63 -4.03 6.79 -13.80
CA GLY A 63 -4.02 7.39 -15.26
C GLY A 63 -4.70 6.66 -16.47
N ASP A 64 -4.61 5.35 -16.26
CA ASP A 64 -5.33 4.24 -16.88
C ASP A 64 -6.74 4.63 -17.28
N ALA A 65 -6.95 5.48 -18.22
CA ALA A 65 -8.40 5.59 -18.44
C ALA A 65 -8.96 4.32 -19.12
N PRO A 66 -8.80 4.25 -20.40
CA PRO A 66 -9.58 3.32 -21.25
C PRO A 66 -9.84 1.86 -20.73
N HIS A 67 -10.79 1.57 -19.86
CA HIS A 67 -11.22 0.14 -19.76
C HIS A 67 -12.60 0.15 -19.31
N LEU A 68 -12.85 1.18 -18.43
CA LEU A 68 -14.22 1.46 -17.93
C LEU A 68 -14.77 2.50 -18.87
N ALA A 69 -14.07 2.75 -19.98
CA ALA A 69 -14.67 3.59 -20.96
C ALA A 69 -15.80 2.68 -21.34
N PRO A 70 -17.02 3.18 -21.33
CA PRO A 70 -18.19 2.41 -21.74
C PRO A 70 -18.03 1.64 -23.05
N GLU A 71 -17.26 2.17 -24.01
CA GLU A 71 -17.11 1.52 -25.36
C GLU A 71 -16.27 0.24 -25.29
N MET A 72 -15.58 0.06 -24.17
CA MET A 72 -14.96 -1.24 -23.87
C MET A 72 -15.96 -2.35 -23.64
N ARG A 73 -17.22 -1.98 -23.39
CA ARG A 73 -18.28 -2.97 -23.19
C ARG A 73 -18.26 -4.04 -24.28
N SER A 74 -18.13 -5.28 -23.82
CA SER A 74 -18.02 -6.48 -24.62
C SER A 74 -16.62 -6.64 -25.11
N HIS A 75 -15.73 -5.66 -24.89
CA HIS A 75 -14.32 -5.94 -25.23
C HIS A 75 -13.49 -6.31 -24.07
N VAL A 76 -13.51 -5.49 -23.04
CA VAL A 76 -12.85 -5.88 -21.79
C VAL A 76 -13.53 -5.35 -20.58
N HIS A 77 -13.80 -6.26 -19.66
CA HIS A 77 -14.44 -5.92 -18.40
C HIS A 77 -13.49 -6.09 -17.26
N PRO A 78 -13.62 -5.25 -16.22
CA PRO A 78 -12.84 -5.46 -14.96
C PRO A 78 -13.46 -6.54 -14.02
N THR A 79 -12.61 -7.26 -13.29
CA THR A 79 -13.12 -8.16 -12.25
C THR A 79 -12.44 -7.78 -11.00
N LEU A 80 -13.13 -8.17 -9.93
CA LEU A 80 -12.58 -8.29 -8.57
C LEU A 80 -13.17 -9.57 -7.89
N CYS A 101 -9.83 -8.75 1.85
CA CYS A 101 -9.39 -7.54 2.56
C CYS A 101 -8.07 -7.70 3.43
N HIS A 102 -7.66 -8.96 3.68
CA HIS A 102 -6.26 -9.15 4.09
C HIS A 102 -5.44 -9.00 2.81
N PHE A 103 -5.06 -7.75 2.45
CA PHE A 103 -4.11 -7.57 1.38
C PHE A 103 -3.05 -8.70 1.14
N HIS A 104 -2.37 -9.24 2.15
CA HIS A 104 -1.32 -10.28 1.88
C HIS A 104 -1.77 -11.57 1.07
N GLU A 105 -3.10 -11.78 0.94
CA GLU A 105 -3.63 -12.96 0.26
C GLU A 105 -3.97 -12.81 -1.21
N VAL A 106 -3.89 -11.59 -1.72
CA VAL A 106 -4.05 -11.34 -3.15
C VAL A 106 -3.08 -12.21 -3.98
N PRO A 107 -1.80 -12.08 -3.75
CA PRO A 107 -0.91 -12.96 -4.40
C PRO A 107 -1.37 -14.41 -4.50
N GLU A 108 -1.82 -15.03 -3.42
CA GLU A 108 -2.46 -16.38 -3.53
C GLU A 108 -3.62 -16.57 -4.58
N LEU A 109 -4.28 -15.51 -4.97
CA LEU A 109 -5.28 -15.69 -6.01
C LEU A 109 -4.65 -16.22 -7.30
N PHE A 110 -3.49 -15.68 -7.65
CA PHE A 110 -2.68 -16.26 -8.71
C PHE A 110 -1.99 -17.61 -8.36
N ARG A 111 -1.33 -17.70 -7.21
CA ARG A 111 -0.45 -18.75 -6.93
C ARG A 111 -1.30 -19.90 -6.60
N GLN A 112 -2.53 -19.93 -7.03
CA GLN A 112 -3.50 -20.98 -6.53
C GLN A 112 -4.63 -21.07 -7.58
N GLY A 113 -4.58 -20.17 -8.56
CA GLY A 113 -5.49 -20.26 -9.58
C GLY A 113 -6.91 -19.77 -9.27
N PHE A 114 -7.19 -19.24 -8.08
CA PHE A 114 -8.44 -18.44 -7.93
C PHE A 114 -8.70 -17.46 -9.08
N PHE A 115 -7.66 -16.76 -9.57
CA PHE A 115 -7.76 -15.97 -10.85
C PHE A 115 -6.71 -16.47 -11.86
N PRO A 116 -7.12 -17.41 -12.75
CA PRO A 116 -6.19 -18.09 -13.67
C PRO A 116 -5.63 -17.12 -14.68
N LEU A 117 -4.80 -16.19 -14.25
CA LEU A 117 -4.16 -15.20 -15.10
C LEU A 117 -3.40 -15.84 -16.26
N ASP A 118 -3.64 -15.32 -17.44
CA ASP A 118 -2.98 -15.77 -18.59
C ASP A 118 -1.77 -14.86 -18.97
N VAL A 119 -2.01 -13.53 -18.89
CA VAL A 119 -0.99 -12.51 -19.18
C VAL A 119 -0.89 -11.52 -18.03
N ALA A 120 0.32 -11.20 -17.62
CA ALA A 120 0.56 -10.19 -16.63
C ALA A 120 1.11 -8.93 -17.33
N VAL A 121 0.44 -7.80 -17.25
CA VAL A 121 0.96 -6.59 -17.88
C VAL A 121 1.54 -5.64 -16.84
N VAL A 122 2.86 -5.44 -16.79
CA VAL A 122 3.54 -4.68 -15.79
C VAL A 122 4.38 -3.57 -16.36
N GLN A 123 4.76 -2.64 -15.49
CA GLN A 123 5.61 -1.57 -15.98
C GLN A 123 6.99 -1.64 -15.33
N VAL A 124 8.03 -2.22 -15.87
CA VAL A 124 9.33 -2.13 -15.15
C VAL A 124 10.22 -1.05 -15.61
N SER A 125 11.45 -1.09 -15.08
CA SER A 125 12.52 -0.12 -15.36
C SER A 125 13.56 -0.65 -16.37
N THR A 126 14.50 0.22 -16.78
CA THR A 126 15.55 -0.26 -17.68
C THR A 126 16.44 -1.29 -16.97
N PRO A 127 16.73 -2.41 -17.65
CA PRO A 127 17.57 -3.50 -17.11
C PRO A 127 18.97 -3.04 -16.98
N ASN A 128 19.72 -3.82 -16.23
CA ASN A 128 20.99 -3.37 -15.70
C ASN A 128 21.98 -4.22 -16.48
N GLU A 129 23.23 -4.24 -16.05
CA GLU A 129 24.32 -4.78 -16.88
C GLU A 129 24.16 -6.31 -17.13
N GLU A 130 23.36 -6.97 -16.27
CA GLU A 130 23.05 -8.41 -16.36
C GLU A 130 21.69 -8.73 -16.96
N GLY A 131 21.02 -7.76 -17.54
CA GLY A 131 19.75 -8.02 -18.11
C GLY A 131 18.62 -8.12 -17.12
N TYR A 132 18.79 -7.51 -15.97
CA TYR A 132 17.79 -7.64 -14.91
C TYR A 132 17.04 -6.32 -14.84
N CYS A 133 15.74 -6.34 -15.00
CA CYS A 133 14.94 -5.17 -14.67
C CYS A 133 14.27 -5.27 -13.31
N SER A 134 13.78 -4.10 -12.89
CA SER A 134 13.23 -3.92 -11.54
C SER A 134 11.83 -3.57 -11.67
N PHE A 135 11.05 -4.02 -10.69
CA PHE A 135 9.66 -3.65 -10.65
C PHE A 135 9.50 -2.20 -10.27
N GLY A 136 10.57 -1.54 -9.85
CA GLY A 136 10.53 -0.13 -9.42
C GLY A 136 9.68 0.10 -8.20
N VAL A 137 8.65 0.93 -8.40
CA VAL A 137 7.75 1.41 -7.31
C VAL A 137 6.55 0.48 -6.91
N SER A 138 6.57 -0.74 -7.44
CA SER A 138 5.47 -1.72 -7.18
C SER A 138 5.91 -3.19 -7.13
N CYS A 139 5.98 -3.78 -5.97
CA CYS A 139 6.32 -5.17 -5.96
C CYS A 139 4.98 -5.91 -5.74
N ASP A 140 4.34 -5.50 -4.62
CA ASP A 140 3.08 -5.97 -4.09
C ASP A 140 2.52 -7.22 -4.70
N TYR A 141 1.54 -7.12 -5.59
CA TYR A 141 0.93 -8.38 -6.15
C TYR A 141 1.39 -8.55 -7.55
N THR A 142 2.01 -7.46 -8.00
CA THR A 142 2.44 -7.40 -9.32
C THR A 142 3.64 -8.34 -9.59
N LYS A 143 4.51 -8.65 -8.67
CA LYS A 143 5.55 -9.53 -9.09
C LYS A 143 5.07 -10.98 -9.04
N ALA A 144 4.21 -11.30 -8.08
CA ALA A 144 3.66 -12.63 -8.05
C ALA A 144 2.90 -12.92 -9.33
N ALA A 145 2.19 -11.94 -9.82
CA ALA A 145 1.42 -12.10 -11.06
C ALA A 145 2.40 -12.41 -12.18
N ALA A 146 3.44 -11.55 -12.35
CA ALA A 146 4.47 -11.78 -13.40
C ALA A 146 4.99 -13.22 -13.32
N GLU A 147 5.24 -13.68 -12.11
CA GLU A 147 5.65 -15.09 -11.94
C GLU A 147 4.64 -16.17 -12.31
N CYS A 148 3.36 -15.87 -12.38
CA CYS A 148 2.33 -16.92 -12.56
C CYS A 148 1.64 -16.88 -13.95
N ALA A 149 2.03 -15.91 -14.78
CA ALA A 149 1.51 -15.69 -16.07
C ALA A 149 2.51 -16.33 -17.04
N PRO A 150 2.04 -17.25 -17.95
CA PRO A 150 2.85 -17.67 -19.13
C PRO A 150 3.17 -16.59 -20.16
N VAL A 151 2.56 -15.40 -20.11
CA VAL A 151 2.92 -14.36 -21.08
C VAL A 151 2.97 -13.13 -20.23
N VAL A 152 4.09 -12.42 -20.31
CA VAL A 152 4.29 -11.22 -19.52
C VAL A 152 4.60 -10.00 -20.41
N VAL A 153 3.75 -8.99 -20.34
CA VAL A 153 4.00 -7.84 -21.20
C VAL A 153 4.61 -6.69 -20.36
N ALA A 154 5.86 -6.31 -20.56
CA ALA A 154 6.40 -5.32 -19.66
C ALA A 154 6.65 -4.02 -20.41
N GLU A 155 6.19 -2.87 -19.91
CA GLU A 155 6.51 -1.65 -20.57
C GLU A 155 7.79 -1.31 -19.95
N VAL A 156 8.81 -1.18 -20.76
CA VAL A 156 10.13 -0.78 -20.22
C VAL A 156 10.34 0.75 -20.09
N ASN A 157 10.35 1.22 -18.85
CA ASN A 157 10.28 2.62 -18.73
C ASN A 157 11.62 3.20 -18.30
N LYS A 158 12.11 4.06 -19.21
CA LYS A 158 13.37 4.83 -18.99
C LYS A 158 13.24 5.74 -17.77
N GLN A 159 12.00 6.11 -17.40
CA GLN A 159 11.74 6.89 -16.21
C GLN A 159 11.50 6.05 -14.93
N MET A 160 11.12 4.76 -15.04
CA MET A 160 10.81 3.93 -13.82
C MET A 160 12.10 3.79 -13.03
N PRO A 161 12.13 4.18 -11.77
CA PRO A 161 13.29 3.98 -10.89
C PRO A 161 13.67 2.53 -10.62
N PHE A 162 14.91 2.31 -10.26
CA PHE A 162 15.40 1.02 -10.02
C PHE A 162 15.57 0.92 -8.56
N ILE A 163 14.86 -0.04 -7.99
CA ILE A 163 14.85 -0.32 -6.57
C ILE A 163 14.97 -1.84 -6.35
N GLY A 164 15.63 -2.19 -5.26
CA GLY A 164 16.19 -3.52 -5.10
C GLY A 164 15.37 -4.25 -4.12
N GLY A 165 15.97 -5.17 -3.37
CA GLY A 165 15.18 -6.15 -2.64
C GLY A 165 14.71 -7.23 -3.60
N GLU A 166 13.65 -7.93 -3.28
CA GLU A 166 13.22 -9.04 -4.16
C GLU A 166 12.33 -8.48 -5.21
N ASN A 167 12.86 -7.53 -5.98
CA ASN A 167 12.08 -6.69 -6.87
C ASN A 167 12.57 -6.76 -8.29
N LEU A 168 13.16 -7.88 -8.71
CA LEU A 168 13.76 -7.90 -10.04
C LEU A 168 13.04 -8.87 -10.94
N ILE A 169 13.20 -8.67 -12.24
CA ILE A 169 12.73 -9.65 -13.20
C ILE A 169 13.62 -9.66 -14.43
N HIS A 170 14.05 -10.83 -14.81
CA HIS A 170 15.01 -10.87 -15.89
C HIS A 170 14.34 -10.64 -17.24
N ILE A 171 15.15 -10.09 -18.16
CA ILE A 171 14.71 -9.77 -19.52
C ILE A 171 14.17 -11.00 -20.24
N SER A 172 14.75 -12.17 -19.96
CA SER A 172 14.30 -13.34 -20.62
C SER A 172 12.90 -13.81 -20.20
N LYS A 173 12.30 -13.29 -19.13
CA LYS A 173 10.92 -13.71 -18.70
C LYS A 173 9.81 -12.84 -19.30
N LEU A 174 10.27 -11.87 -20.07
CA LEU A 174 9.40 -10.94 -20.75
C LEU A 174 9.12 -11.39 -22.18
N THR A 175 7.86 -11.50 -22.53
CA THR A 175 7.45 -11.96 -23.86
C THR A 175 7.44 -10.86 -24.89
N HIS A 176 6.89 -9.70 -24.51
CA HIS A 176 6.81 -8.55 -25.37
C HIS A 176 7.29 -7.36 -24.54
N ILE A 177 8.15 -6.53 -25.14
CA ILE A 177 8.68 -5.39 -24.41
C ILE A 177 8.27 -4.20 -25.18
N ILE A 178 7.75 -3.23 -24.47
CA ILE A 178 7.26 -2.03 -25.10
C ILE A 178 8.13 -0.94 -24.54
N GLU A 179 9.27 -0.65 -25.18
CA GLU A 179 10.14 0.40 -24.62
C GLU A 179 9.45 1.72 -24.60
N VAL A 180 9.34 2.32 -23.42
CA VAL A 180 8.93 3.67 -23.40
C VAL A 180 9.64 4.56 -22.47
N ASP A 181 9.22 5.78 -22.60
CA ASP A 181 9.69 6.88 -21.85
C ASP A 181 8.58 7.95 -21.52
N GLU A 182 8.37 8.14 -20.22
CA GLU A 182 7.16 8.78 -19.71
C GLU A 182 7.21 8.79 -18.16
N PRO A 183 6.96 9.97 -17.56
CA PRO A 183 7.16 10.20 -16.11
C PRO A 183 6.16 9.43 -15.24
N ILE A 184 6.62 8.89 -14.12
CA ILE A 184 5.84 7.99 -13.37
C ILE A 184 4.75 8.79 -12.70
N ALA A 185 3.49 8.55 -12.99
CA ALA A 185 2.40 9.28 -12.33
C ALA A 185 2.77 9.65 -10.94
N GLU A 186 2.37 10.85 -10.56
CA GLU A 186 2.72 11.35 -9.22
C GLU A 186 1.50 11.61 -8.38
N VAL A 187 1.51 11.41 -7.08
CA VAL A 187 0.37 11.87 -6.30
C VAL A 187 0.86 12.70 -5.15
N LEU A 188 0.58 13.99 -5.13
CA LEU A 188 1.29 14.68 -4.07
C LEU A 188 0.39 14.55 -2.88
N PRO A 189 0.97 14.27 -1.70
CA PRO A 189 0.20 13.99 -0.36
C PRO A 189 -0.26 15.20 0.41
N GLY A 192 -0.34 17.61 6.54
CA GLY A 192 -0.93 17.60 7.87
C GLY A 192 -2.21 18.36 7.69
N SER A 193 -2.49 19.29 8.61
CA SER A 193 -3.72 20.10 8.80
C SER A 193 -3.86 20.36 10.31
N ASP A 194 -4.66 21.35 10.68
CA ASP A 194 -5.08 21.56 12.08
C ASP A 194 -5.34 20.22 12.89
N LEU A 195 -6.60 19.70 12.89
CA LEU A 195 -7.02 18.50 13.63
C LEU A 195 -5.97 17.50 13.49
N GLU A 196 -5.67 17.22 12.22
CA GLU A 196 -4.83 16.08 11.92
C GLU A 196 -3.50 16.02 12.68
N LEU A 197 -2.87 17.17 12.75
CA LEU A 197 -1.66 17.38 13.47
C LEU A 197 -1.79 17.02 14.92
N ARG A 198 -2.84 17.46 15.61
CA ARG A 198 -2.97 17.04 17.02
C ARG A 198 -3.04 15.53 17.04
N ILE A 199 -3.71 14.89 16.05
CA ILE A 199 -3.78 13.43 16.04
C ILE A 199 -2.34 12.90 16.07
N GLY A 200 -1.59 13.28 15.03
CA GLY A 200 -0.15 13.06 14.96
C GLY A 200 0.52 13.22 16.29
N GLN A 201 0.24 14.28 17.02
CA GLN A 201 0.94 14.49 18.26
C GLN A 201 0.62 13.47 19.30
N ASN A 202 -0.65 13.16 19.45
CA ASN A 202 -0.96 12.11 20.41
C ASN A 202 -0.34 10.73 20.10
N CYS A 203 -0.10 10.39 18.83
CA CYS A 203 0.43 9.05 18.51
C CYS A 203 1.85 8.91 19.00
N ALA A 204 2.59 10.02 18.80
CA ALA A 204 3.95 10.11 19.13
C ALA A 204 4.25 9.81 20.60
N SER A 205 3.25 10.00 21.48
CA SER A 205 3.46 9.52 22.88
C SER A 205 3.43 8.02 23.09
N LEU A 206 3.22 7.27 22.02
CA LEU A 206 3.15 5.82 22.05
C LEU A 206 4.38 5.27 21.37
N ILE A 207 5.06 6.14 20.68
CA ILE A 207 6.12 5.69 19.83
C ILE A 207 7.42 6.04 20.52
N LYS A 208 8.33 5.06 20.50
CA LYS A 208 9.58 5.10 21.22
C LYS A 208 10.78 5.36 20.25
N ASP A 209 11.83 6.09 20.64
CA ASP A 209 13.04 5.99 19.82
C ASP A 209 13.29 4.51 19.56
N GLY A 210 13.53 4.11 18.32
CA GLY A 210 13.95 2.75 17.99
C GLY A 210 12.93 1.82 17.39
N ASP A 211 11.74 2.35 17.02
CA ASP A 211 10.56 1.53 16.74
C ASP A 211 10.40 1.34 15.26
N THR A 212 10.05 0.18 14.74
CA THR A 212 10.12 0.17 13.33
C THR A 212 8.67 0.35 12.92
N LEU A 213 8.32 1.52 12.39
CA LEU A 213 6.91 1.81 12.08
C LEU A 213 6.27 1.28 10.88
N GLN A 214 4.95 1.15 10.96
CA GLN A 214 4.10 1.08 9.74
C GLN A 214 2.97 2.06 9.67
N LEU A 215 3.01 2.94 8.70
CA LEU A 215 1.90 3.88 8.50
C LEU A 215 1.32 3.98 7.10
N GLY A 216 0.12 4.54 6.95
CA GLY A 216 -0.33 4.87 5.60
C GLY A 216 0.28 6.10 4.95
N ILE A 217 -0.54 6.71 4.07
CA ILE A 217 -0.27 7.95 3.31
C ILE A 217 -1.51 8.92 3.43
N GLY A 218 -1.32 10.18 3.76
CA GLY A 218 -2.45 11.02 4.07
C GLY A 218 -2.15 11.94 5.21
N GLY A 219 -2.93 13.00 5.32
CA GLY A 219 -2.89 13.80 6.52
C GLY A 219 -2.37 13.11 7.80
N ILE A 220 -3.09 12.07 8.30
CA ILE A 220 -2.68 11.44 9.55
C ILE A 220 -1.18 10.98 9.54
N PRO A 221 -0.80 10.10 8.61
CA PRO A 221 0.61 9.71 8.43
C PRO A 221 1.63 10.85 8.37
N ASP A 222 1.35 11.86 7.56
CA ASP A 222 2.28 12.96 7.46
C ASP A 222 2.24 13.72 8.73
N ALA A 223 1.14 13.68 9.46
CA ALA A 223 1.08 14.37 10.76
C ALA A 223 1.98 13.63 11.70
N VAL A 224 1.93 12.28 11.61
CA VAL A 224 2.58 11.47 12.62
C VAL A 224 4.04 11.69 12.49
N LEU A 225 4.53 11.66 11.26
CA LEU A 225 5.94 11.84 11.02
C LEU A 225 6.35 13.26 11.40
N ARG A 226 5.49 14.28 11.21
CA ARG A 226 5.76 15.62 11.76
C ARG A 226 5.96 15.56 13.25
N ALA A 227 5.06 14.89 14.00
CA ALA A 227 5.22 14.73 15.48
C ALA A 227 6.51 14.00 15.88
N LEU A 228 7.20 13.35 14.95
CA LEU A 228 8.30 12.45 15.42
C LEU A 228 9.70 13.08 15.15
N GLU A 229 9.70 14.38 14.83
CA GLU A 229 10.93 15.02 14.49
C GLU A 229 11.94 15.09 15.68
N GLY A 230 11.46 14.94 16.93
CA GLY A 230 12.32 14.69 18.08
C GLY A 230 12.65 13.25 18.44
N HIS A 231 12.43 12.32 17.52
CA HIS A 231 12.75 10.91 17.73
C HIS A 231 14.05 10.54 17.05
N LYS A 232 14.59 9.40 17.45
CA LYS A 232 15.86 8.88 17.03
C LYS A 232 15.66 7.48 16.54
N ASP A 233 16.58 6.99 15.68
CA ASP A 233 16.63 5.56 15.16
C ASP A 233 15.38 4.83 14.69
N LEU A 234 14.46 5.49 14.00
CA LEU A 234 13.24 4.80 13.71
C LEU A 234 13.48 3.88 12.52
N GLY A 235 12.61 2.91 12.29
CA GLY A 235 12.90 1.99 11.20
C GLY A 235 11.64 1.99 10.41
N ILE A 236 11.61 1.38 9.21
CA ILE A 236 10.34 1.29 8.44
C ILE A 236 10.05 -0.13 7.98
N HIS A 237 8.80 -0.51 8.06
CA HIS A 237 8.36 -1.70 7.42
C HIS A 237 6.82 -1.54 7.08
N THR A 238 6.47 -0.83 5.99
CA THR A 238 5.07 -0.55 5.69
C THR A 238 4.64 -1.29 4.45
N GLU A 239 3.32 -1.40 4.28
CA GLU A 239 2.97 -1.70 2.98
C GLU A 239 3.12 -0.56 2.01
N MET A 240 3.17 0.71 2.40
CA MET A 240 3.49 1.76 1.33
C MET A 240 4.07 3.01 1.86
N PHE A 241 4.69 3.81 1.06
CA PHE A 241 5.04 5.06 1.66
C PHE A 241 5.15 6.18 0.66
N THR A 242 5.14 7.43 1.17
CA THR A 242 5.24 8.64 0.26
C THR A 242 6.44 9.53 0.62
N ASP A 243 6.33 10.77 0.16
CA ASP A 243 7.33 11.80 0.43
C ASP A 243 7.63 11.97 1.86
N GLY A 244 6.76 11.58 2.79
CA GLY A 244 7.01 11.86 4.22
C GLY A 244 8.22 11.12 4.71
N VAL A 245 8.26 9.86 4.27
CA VAL A 245 9.37 8.97 4.59
C VAL A 245 10.73 9.48 4.14
N MET A 246 10.76 10.12 2.94
CA MET A 246 11.97 10.67 2.34
C MET A 246 12.56 11.71 3.22
N ARG A 247 11.64 12.51 3.66
CA ARG A 247 11.86 13.65 4.45
C ARG A 247 12.58 13.24 5.78
N MET A 248 12.11 12.18 6.39
CA MET A 248 12.64 11.85 7.64
C MET A 248 13.90 11.05 7.44
N ILE A 249 13.98 10.29 6.35
CA ILE A 249 15.21 9.60 6.08
C ILE A 249 16.20 10.70 5.95
N ARG A 250 15.86 11.67 5.11
CA ARG A 250 16.63 12.89 4.93
C ARG A 250 17.08 13.58 6.24
N LYS A 251 16.19 13.80 7.21
CA LYS A 251 16.58 14.53 8.44
C LYS A 251 17.44 13.64 9.31
N GLY A 252 17.65 12.39 8.97
CA GLY A 252 18.42 11.51 9.91
C GLY A 252 17.60 10.67 10.91
N ILE A 253 16.31 10.96 11.05
CA ILE A 253 15.42 10.20 11.91
C ILE A 253 15.10 8.78 11.46
N ILE A 254 14.74 8.54 10.20
CA ILE A 254 14.55 7.10 9.81
C ILE A 254 15.85 6.47 9.40
N ASN A 255 16.31 5.45 10.12
CA ASN A 255 17.60 4.80 9.80
C ASN A 255 17.64 3.28 10.05
N GLY A 256 16.56 2.78 10.66
CA GLY A 256 16.45 1.37 11.03
C GLY A 256 17.75 0.82 11.53
N LYS A 257 18.42 1.50 12.47
CA LYS A 257 19.65 0.99 13.00
C LYS A 257 19.33 -0.09 13.99
N LYS A 258 18.08 -0.04 14.53
CA LYS A 258 17.53 -0.96 15.55
C LYS A 258 16.66 -2.02 14.96
N LYS A 259 16.16 -1.79 13.74
CA LYS A 259 15.51 -2.85 12.99
C LYS A 259 16.09 -4.25 13.36
N THR A 260 15.28 -5.24 13.72
CA THR A 260 15.88 -6.56 13.81
C THR A 260 15.58 -7.37 12.56
N LEU A 261 14.99 -6.72 11.55
CA LEU A 261 14.72 -7.39 10.27
C LEU A 261 15.00 -6.41 9.17
N HIS A 262 15.87 -6.81 8.22
CA HIS A 262 16.39 -5.88 7.19
C HIS A 262 16.97 -4.60 7.82
N PRO A 263 17.97 -4.79 8.68
CA PRO A 263 18.54 -3.68 9.45
C PRO A 263 19.14 -2.67 8.49
N GLU A 264 18.94 -1.42 8.81
CA GLU A 264 19.42 -0.29 8.03
C GLU A 264 18.72 -0.05 6.71
N LYS A 265 17.50 -0.52 6.51
CA LYS A 265 16.82 -0.20 5.23
C LYS A 265 15.35 -0.08 5.43
N VAL A 266 14.68 0.61 4.48
CA VAL A 266 13.27 0.88 4.66
C VAL A 266 12.66 -0.09 3.74
N VAL A 267 11.82 -0.96 4.29
CA VAL A 267 11.15 -1.88 3.43
C VAL A 267 9.70 -1.54 3.23
N THR A 268 9.24 -1.47 1.97
CA THR A 268 7.84 -1.73 1.57
C THR A 268 7.54 -2.68 0.34
N SER A 269 6.31 -2.48 -0.11
CA SER A 269 5.64 -3.27 -1.08
C SER A 269 5.22 -2.30 -2.12
N LEU A 270 5.12 -1.03 -1.82
CA LEU A 270 4.97 -0.05 -2.88
C LEU A 270 5.22 1.33 -2.38
N ILE A 271 5.32 2.23 -3.35
CA ILE A 271 5.67 3.66 -3.19
C ILE A 271 5.00 4.58 -4.23
N PHE A 272 4.45 5.70 -3.85
CA PHE A 272 4.11 6.70 -4.85
C PHE A 272 4.10 8.07 -4.25
N GLY A 273 4.16 9.12 -5.06
CA GLY A 273 4.26 10.45 -4.50
C GLY A 273 4.76 11.37 -5.55
N SER A 274 5.61 12.28 -5.16
CA SER A 274 6.04 13.28 -6.12
C SER A 274 7.28 12.76 -6.97
N LYS A 275 7.63 13.52 -8.01
CA LYS A 275 8.78 13.26 -8.80
C LYS A 275 9.99 13.25 -7.91
N GLU A 276 10.03 14.11 -6.89
CA GLU A 276 11.14 14.03 -5.92
C GLU A 276 11.26 12.65 -5.28
N LEU A 277 10.14 12.07 -4.85
CA LEU A 277 10.17 10.71 -4.33
C LEU A 277 10.88 9.88 -5.33
N TYR A 278 10.37 9.90 -6.56
CA TYR A 278 10.87 8.96 -7.60
C TYR A 278 12.32 9.14 -7.80
N ASP A 279 12.76 10.37 -8.05
CA ASP A 279 14.21 10.54 -8.09
C ASP A 279 15.03 10.17 -6.88
N PHE A 280 14.48 10.27 -5.67
CA PHE A 280 15.21 9.85 -4.45
C PHE A 280 15.31 8.32 -4.38
N VAL A 281 14.21 7.63 -4.66
CA VAL A 281 14.29 6.16 -4.50
C VAL A 281 15.05 5.46 -5.62
N ASN A 282 15.23 6.17 -6.72
CA ASN A 282 15.92 5.54 -7.79
C ASN A 282 17.32 5.18 -7.33
N ASN A 283 17.65 3.89 -7.43
CA ASN A 283 19.05 3.41 -7.29
C ASN A 283 19.51 3.80 -5.94
N ASN A 284 18.77 3.42 -4.92
CA ASN A 284 19.22 3.83 -3.63
C ASN A 284 19.28 2.58 -2.74
N PRO A 285 20.49 2.26 -2.30
CA PRO A 285 20.76 1.07 -1.54
C PRO A 285 19.81 0.94 -0.37
N VAL A 286 19.41 2.01 0.22
CA VAL A 286 18.84 1.81 1.52
C VAL A 286 17.30 1.55 1.48
N ILE A 287 16.81 1.52 0.23
CA ILE A 287 15.41 1.27 -0.05
C ILE A 287 15.28 -0.02 -0.80
N GLU A 288 14.29 -0.82 -0.38
CA GLU A 288 14.05 -2.12 -0.95
C GLU A 288 12.59 -2.59 -1.04
N CYS A 289 12.21 -3.22 -2.17
CA CYS A 289 10.84 -3.67 -2.25
C CYS A 289 10.69 -5.12 -2.07
N TYR A 290 9.55 -5.50 -1.54
CA TYR A 290 9.17 -6.88 -1.54
C TYR A 290 7.69 -6.99 -1.75
N PRO A 291 7.28 -8.14 -2.18
CA PRO A 291 5.88 -8.35 -2.46
C PRO A 291 5.08 -8.38 -1.16
N VAL A 292 3.77 -8.29 -1.29
CA VAL A 292 2.92 -8.31 -0.09
C VAL A 292 2.71 -9.68 0.51
N ASP A 293 2.83 -10.73 -0.30
CA ASP A 293 2.56 -12.02 0.27
C ASP A 293 3.74 -12.27 1.23
N TYR A 294 4.40 -11.21 1.65
CA TYR A 294 5.54 -11.36 2.47
C TYR A 294 5.48 -10.21 3.44
N ILE A 295 5.50 -9.01 2.89
CA ILE A 295 5.65 -7.80 3.68
C ILE A 295 4.47 -7.73 4.68
N ASN A 296 3.31 -8.20 4.21
CA ASN A 296 2.08 -8.14 4.95
C ASN A 296 1.77 -9.39 5.71
N ASN A 297 2.70 -10.33 5.65
CA ASN A 297 2.52 -11.55 6.38
C ASN A 297 2.79 -11.31 7.88
N PRO A 298 1.79 -11.50 8.75
CA PRO A 298 1.92 -11.19 10.17
C PRO A 298 3.14 -11.83 10.81
N ASP A 299 3.47 -13.00 10.25
CA ASP A 299 4.67 -13.72 10.62
C ASP A 299 5.93 -12.96 10.30
N VAL A 300 6.03 -12.41 9.08
CA VAL A 300 7.19 -11.58 8.80
C VAL A 300 7.16 -10.30 9.53
N ILE A 301 6.05 -9.58 9.45
CA ILE A 301 5.83 -8.40 10.28
C ILE A 301 6.31 -8.65 11.71
N GLY A 302 5.88 -9.78 12.23
CA GLY A 302 6.21 -10.10 13.58
C GLY A 302 7.70 -10.06 13.91
N LYS A 303 8.58 -10.52 12.98
CA LYS A 303 10.01 -10.63 13.24
C LYS A 303 10.61 -9.21 13.55
N ASN A 304 9.92 -8.15 13.18
CA ASN A 304 10.42 -6.82 13.50
C ASN A 304 10.07 -6.31 14.91
N ASP A 305 11.06 -6.09 15.76
CA ASP A 305 10.68 -5.63 17.11
C ASP A 305 10.17 -4.22 17.29
N ARG A 306 9.37 -4.07 18.34
CA ARG A 306 8.88 -2.72 18.57
C ARG A 306 8.15 -2.36 17.29
N MET A 307 7.33 -3.24 16.77
CA MET A 307 6.75 -2.87 15.50
C MET A 307 5.53 -2.11 15.86
N VAL A 308 5.41 -0.87 15.39
CA VAL A 308 4.15 -0.13 15.62
C VAL A 308 3.33 0.33 14.38
N SER A 309 2.15 -0.29 14.16
CA SER A 309 1.41 -0.01 12.90
C SER A 309 0.44 1.04 13.20
N ILE A 310 0.33 2.04 12.31
CA ILE A 310 -0.74 3.03 12.45
C ILE A 310 -1.69 3.17 11.26
N ASN A 311 -2.96 2.81 11.50
CA ASN A 311 -3.96 2.74 10.46
C ASN A 311 -5.10 3.61 10.81
N SER A 312 -5.95 3.85 9.84
CA SER A 312 -6.99 4.80 10.05
C SER A 312 -8.24 4.28 9.36
N CYS A 313 -9.17 3.90 10.26
CA CYS A 313 -10.48 3.44 10.00
C CYS A 313 -11.44 4.55 9.93
N LEU A 314 -12.62 4.17 9.45
CA LEU A 314 -13.61 5.14 9.04
C LEU A 314 -14.72 5.29 10.12
N GLU A 315 -14.85 4.29 11.01
CA GLU A 315 -15.82 4.43 12.07
C GLU A 315 -15.50 3.39 13.08
N MET A 316 -15.92 3.59 14.31
CA MET A 316 -15.64 2.64 15.33
C MET A 316 -16.74 2.65 16.31
N ASP A 317 -16.81 1.60 17.13
CA ASP A 317 -17.96 1.53 18.06
C ASP A 317 -17.57 1.55 19.52
N LEU A 318 -18.56 1.66 20.41
CA LEU A 318 -18.30 1.70 21.85
C LEU A 318 -17.58 0.47 22.45
N MET A 319 -17.07 -0.40 21.57
CA MET A 319 -16.65 -1.74 21.91
C MET A 319 -15.27 -2.08 21.30
N GLY A 320 -14.89 -1.39 20.24
CA GLY A 320 -13.55 -1.62 19.75
C GLY A 320 -13.52 -2.21 18.38
N GLN A 321 -14.52 -1.83 17.61
CA GLN A 321 -14.79 -2.50 16.42
C GLN A 321 -14.96 -1.52 15.24
N ALA A 322 -14.17 -1.74 14.18
CA ALA A 322 -14.11 -0.87 13.00
C ALA A 322 -15.08 -1.32 11.97
N GLY A 337 -4.96 -4.35 4.06
CA GLY A 337 -3.60 -4.41 4.65
C GLY A 337 -3.63 -3.92 6.10
N GLN A 338 -4.58 -3.03 6.29
CA GLN A 338 -4.95 -2.56 7.58
C GLN A 338 -5.01 -3.65 8.63
N VAL A 339 -5.49 -4.83 8.33
CA VAL A 339 -5.68 -5.85 9.37
C VAL A 339 -4.43 -6.75 9.55
N ASP A 340 -3.73 -6.96 8.44
CA ASP A 340 -2.52 -7.72 8.38
C ASP A 340 -1.58 -7.18 9.42
N PHE A 341 -1.40 -5.85 9.39
CA PHE A 341 -0.54 -5.14 10.31
C PHE A 341 -1.04 -5.07 11.77
N LEU A 342 -2.35 -5.03 12.00
CA LEU A 342 -2.86 -5.25 13.38
C LEU A 342 -2.30 -6.48 14.04
N ARG A 343 -2.48 -7.60 13.33
CA ARG A 343 -2.16 -8.97 13.72
C ARG A 343 -0.62 -9.14 13.93
N GLY A 344 0.09 -8.62 12.93
CA GLY A 344 1.48 -8.74 12.83
C GLY A 344 2.09 -7.83 13.81
N ALA A 345 1.51 -6.65 14.07
CA ALA A 345 2.01 -5.80 15.21
C ALA A 345 1.88 -6.51 16.54
N LYS A 346 0.89 -7.40 16.65
CA LYS A 346 0.60 -8.03 17.93
C LYS A 346 1.48 -9.19 18.18
N ARG A 347 2.34 -9.53 17.21
CA ARG A 347 3.38 -10.57 17.39
C ARG A 347 4.81 -10.07 17.63
N SER A 348 5.18 -8.81 17.26
CA SER A 348 6.61 -8.43 17.51
C SER A 348 6.77 -8.11 18.92
N LYS A 349 7.90 -8.47 19.47
CA LYS A 349 8.14 -8.11 20.86
C LYS A 349 8.25 -6.58 21.19
N GLY A 350 7.32 -6.11 22.02
CA GLY A 350 7.13 -4.67 22.20
C GLY A 350 6.39 -3.90 21.09
N GLY A 351 5.44 -4.53 20.39
CA GLY A 351 4.73 -3.89 19.30
C GLY A 351 3.41 -3.44 19.80
N ILE A 352 2.76 -2.55 19.12
CA ILE A 352 1.44 -2.17 19.47
C ILE A 352 0.73 -1.82 18.19
N SER A 353 -0.55 -1.51 18.22
CA SER A 353 -1.15 -1.08 17.00
C SER A 353 -2.08 0.04 17.41
N ILE A 354 -2.00 1.14 16.67
CA ILE A 354 -2.84 2.32 16.86
C ILE A 354 -3.83 2.56 15.69
N MET A 355 -5.12 2.82 15.97
CA MET A 355 -6.09 3.27 14.99
C MET A 355 -6.22 4.77 15.28
N ALA A 356 -5.77 5.63 14.39
CA ALA A 356 -5.93 7.04 14.63
C ALA A 356 -6.92 7.57 13.60
N PHE A 357 -7.89 8.41 13.99
CA PHE A 357 -8.81 9.10 13.02
C PHE A 357 -9.46 10.27 13.68
N PRO A 358 -10.06 11.13 12.85
CA PRO A 358 -10.67 12.36 13.37
C PRO A 358 -12.02 12.06 14.05
N SER A 359 -12.31 12.66 15.19
CA SER A 359 -13.48 12.28 15.92
C SER A 359 -14.80 12.57 15.18
N THR A 360 -14.79 13.32 14.07
CA THR A 360 -16.06 13.51 13.26
C THR A 360 -16.00 13.44 11.74
N ALA A 361 -17.14 13.65 11.10
CA ALA A 361 -17.23 13.71 9.63
C ALA A 361 -18.30 14.72 9.20
N LYS A 362 -18.26 15.12 7.91
CA LYS A 362 -19.21 16.09 7.34
C LYS A 362 -19.24 17.37 8.20
N LYS A 363 -18.07 18.01 8.43
CA LYS A 363 -17.95 19.15 9.40
C LYS A 363 -18.56 18.96 10.83
N GLY A 364 -18.34 17.79 11.44
CA GLY A 364 -18.69 17.62 12.86
C GLY A 364 -20.15 17.26 13.01
N THR A 365 -20.81 16.92 11.90
CA THR A 365 -22.20 16.49 12.01
C THR A 365 -22.22 15.06 12.49
N GLU A 366 -21.17 14.32 12.14
CA GLU A 366 -21.17 12.89 12.36
C GLU A 366 -19.97 12.38 13.13
N SER A 367 -20.30 11.68 14.22
CA SER A 367 -19.37 10.94 15.12
C SER A 367 -18.79 9.68 14.47
N ARG A 368 -17.47 9.61 14.32
CA ARG A 368 -16.80 8.36 13.92
C ARG A 368 -16.72 7.32 15.02
N ILE A 369 -17.24 7.68 16.19
CA ILE A 369 -17.46 6.77 17.30
C ILE A 369 -18.96 6.50 17.61
N VAL A 370 -19.43 5.29 17.31
CA VAL A 370 -20.83 4.97 17.59
C VAL A 370 -21.12 3.76 18.52
N PRO A 371 -22.28 3.73 19.17
CA PRO A 371 -22.68 2.51 19.94
C PRO A 371 -22.66 1.22 19.05
N ILE A 372 -23.20 1.46 17.86
CA ILE A 372 -23.73 0.49 16.97
C ILE A 372 -23.20 1.01 15.67
N LEU A 373 -22.37 0.19 14.99
CA LEU A 373 -21.76 0.40 13.65
C LEU A 373 -22.73 0.00 12.56
N LYS A 374 -22.67 0.77 11.46
CA LYS A 374 -23.28 0.41 10.19
C LYS A 374 -22.20 -0.41 9.48
N THR A 381 -14.46 -8.56 12.36
CA THR A 381 -13.48 -7.56 12.81
C THR A 381 -13.58 -7.06 14.28
N GLY A 382 -14.12 -7.95 15.15
CA GLY A 382 -14.29 -7.82 16.61
C GLY A 382 -13.05 -7.41 17.40
N ARG A 383 -13.31 -6.65 18.51
CA ARG A 383 -12.37 -5.88 19.51
C ARG A 383 -10.94 -6.30 19.94
N ASN A 384 -10.75 -7.56 20.44
CA ASN A 384 -9.45 -8.32 20.58
C ASN A 384 -8.50 -8.22 19.37
N GLU A 385 -8.44 -6.97 18.86
CA GLU A 385 -7.75 -6.48 17.66
C GLU A 385 -6.74 -5.32 18.10
N VAL A 386 -7.21 -4.13 18.50
CA VAL A 386 -6.41 -2.90 18.58
C VAL A 386 -5.99 -2.52 19.99
N ASP A 387 -4.82 -1.88 20.19
CA ASP A 387 -4.35 -1.60 21.58
C ASP A 387 -4.58 -0.19 21.97
N TYR A 388 -4.42 0.69 21.01
CA TYR A 388 -4.74 2.10 21.20
C TYR A 388 -5.61 2.73 20.11
N VAL A 389 -6.29 3.82 20.48
CA VAL A 389 -7.12 4.60 19.59
C VAL A 389 -6.88 6.05 19.92
N VAL A 390 -6.68 6.87 18.88
CA VAL A 390 -6.22 8.24 19.06
C VAL A 390 -7.10 9.13 18.24
N THR A 391 -7.50 10.26 18.80
CA THR A 391 -8.27 11.29 18.08
C THR A 391 -7.66 12.61 18.42
N GLU A 392 -7.97 13.64 17.67
CA GLU A 392 -7.57 14.95 18.19
C GLU A 392 -7.83 15.12 19.69
N TYR A 393 -8.70 14.35 20.34
CA TYR A 393 -8.95 14.68 21.74
C TYR A 393 -8.19 13.76 22.61
N GLY A 394 -7.41 12.87 22.05
CA GLY A 394 -6.49 12.15 22.96
C GLY A 394 -6.52 10.68 22.76
N VAL A 395 -6.00 9.97 23.77
CA VAL A 395 -5.64 8.55 23.65
C VAL A 395 -6.62 7.66 24.36
N ALA A 396 -6.82 6.41 23.93
CA ALA A 396 -7.62 5.41 24.66
C ALA A 396 -6.95 4.09 24.61
N ARG A 397 -6.64 3.51 25.77
CA ARG A 397 -6.05 2.19 25.87
C ARG A 397 -7.12 1.16 25.87
N LEU A 398 -6.92 0.20 24.95
CA LEU A 398 -7.78 -0.98 24.78
C LEU A 398 -7.17 -2.35 25.23
N ARG A 399 -5.95 -2.71 24.78
CA ARG A 399 -5.39 -3.96 25.35
C ARG A 399 -5.59 -3.89 26.89
N GLY A 400 -6.28 -4.92 27.41
CA GLY A 400 -6.50 -5.07 28.81
C GLY A 400 -7.64 -4.22 29.37
N ALA A 401 -8.72 -4.02 28.61
CA ALA A 401 -9.84 -3.20 29.13
C ALA A 401 -11.18 -3.98 29.19
N THR A 402 -12.01 -3.80 30.24
CA THR A 402 -13.39 -4.39 30.22
C THR A 402 -14.27 -3.79 29.15
N LEU A 403 -15.20 -4.58 28.65
CA LEU A 403 -16.36 -3.99 28.04
C LEU A 403 -16.66 -2.55 28.52
N ARG A 404 -16.78 -2.30 29.84
CA ARG A 404 -17.08 -0.90 30.35
C ARG A 404 -15.99 0.18 30.24
N GLN A 405 -14.73 -0.15 30.46
CA GLN A 405 -13.64 0.84 30.26
C GLN A 405 -13.50 1.27 28.79
N ARG A 406 -13.39 0.27 27.89
CA ARG A 406 -13.21 0.47 26.44
C ARG A 406 -14.32 1.47 25.96
N ALA A 407 -15.55 1.19 26.37
CA ALA A 407 -16.71 2.05 26.17
C ALA A 407 -16.40 3.54 26.46
N GLU A 408 -16.00 3.79 27.71
CA GLU A 408 -15.94 5.13 28.15
C GLU A 408 -14.53 5.78 27.97
N ALA A 409 -13.51 4.99 27.68
CA ALA A 409 -12.22 5.55 27.64
C ALA A 409 -12.23 6.16 26.26
N LEU A 410 -13.01 5.54 25.39
CA LEU A 410 -13.20 5.99 24.00
C LEU A 410 -14.01 7.27 24.03
N THR A 411 -15.14 7.22 24.75
CA THR A 411 -16.07 8.33 24.80
C THR A 411 -15.33 9.62 25.21
N ALA A 412 -14.34 9.44 26.07
CA ALA A 412 -13.50 10.50 26.49
C ALA A 412 -12.76 11.09 25.30
N ILE A 413 -12.39 10.36 24.27
CA ILE A 413 -11.74 11.05 23.12
C ILE A 413 -12.61 11.38 21.87
N ALA A 414 -13.89 11.05 21.98
CA ALA A 414 -14.91 11.50 21.06
C ALA A 414 -15.07 13.02 21.03
N HIS A 415 -15.77 13.48 20.00
CA HIS A 415 -16.02 14.88 19.96
C HIS A 415 -16.93 15.14 21.11
N PRO A 416 -16.73 16.33 21.72
CA PRO A 416 -17.55 16.83 22.82
C PRO A 416 -19.07 16.87 22.60
N ASP A 417 -19.52 17.15 21.37
CA ASP A 417 -21.02 17.21 21.21
C ASP A 417 -21.64 15.87 21.55
N PHE A 418 -20.96 14.87 21.02
CA PHE A 418 -21.33 13.50 21.04
C PHE A 418 -21.14 12.75 22.33
N ARG A 419 -20.15 13.16 23.14
CA ARG A 419 -19.97 12.59 24.47
C ARG A 419 -21.17 12.42 25.41
N PRO A 420 -22.12 13.37 25.61
CA PRO A 420 -23.30 13.00 26.39
C PRO A 420 -24.26 12.04 25.62
N ALA A 421 -24.39 12.12 24.29
CA ALA A 421 -25.20 11.08 23.67
C ALA A 421 -24.48 9.73 24.03
N LEU A 422 -23.19 9.62 23.72
CA LEU A 422 -22.39 8.46 24.07
C LEU A 422 -22.38 8.01 25.52
N GLU A 423 -22.35 8.94 26.45
CA GLU A 423 -22.24 8.58 27.84
C GLU A 423 -23.58 8.05 28.31
N GLU A 424 -24.63 8.61 27.71
CA GLU A 424 -26.00 8.14 27.87
C GLU A 424 -26.10 6.64 27.53
N GLU A 425 -25.50 6.21 26.42
CA GLU A 425 -25.56 4.82 25.98
C GLU A 425 -24.91 3.85 26.94
N ILE A 426 -23.72 4.18 27.46
CA ILE A 426 -23.02 3.35 28.47
C ILE A 426 -23.92 3.12 29.66
N ARG A 427 -24.59 4.17 30.13
CA ARG A 427 -25.46 4.05 31.26
C ARG A 427 -26.49 2.96 30.99
N ARG A 428 -27.12 2.96 29.81
CA ARG A 428 -28.08 1.87 29.41
C ARG A 428 -27.34 0.60 28.93
N ARG A 429 -26.61 0.01 29.85
CA ARG A 429 -25.68 -1.04 29.54
C ARG A 429 -25.03 -1.34 30.85
N PHE A 430 -25.53 -0.70 31.94
CA PHE A 430 -24.94 -0.72 33.30
C PHE A 430 -25.91 -0.05 34.27
#